data_2WOZ
#
_entry.id   2WOZ
#
_cell.length_a   66.110
_cell.length_b   98.530
_cell.length_c   46.970
_cell.angle_alpha   90.00
_cell.angle_beta   90.00
_cell.angle_gamma   90.00
#
_symmetry.space_group_name_H-M   'P 21 21 2'
#
loop_
_entity.id
_entity.type
_entity.pdbx_description
1 polymer 'KELCH REPEAT AND BTB DOMAIN-CONTAINING PROTEIN 10'
2 water water
#
_entity_poly.entity_id   1
_entity_poly.type   'polypeptide(L)'
_entity_poly.pdbx_seq_one_letter_code
;PGYLNDIPRHGMFVKDLILLVNDTAAVAYDPMENECYLTALAEQIPRNHSSIVTQQNQVYVVGGLYVDEENKDQPLQSYF
FQLDNVSSEWVGLPPLPSARCLFGLGEVDDKIYVVAGKDLQTEASLDSVLCYDPVAAKWSEVKNLPIKVYGHNVISHNGM
IYCLGGKTDDKKCTNRVFIYNPKKGDWKDLAPMKTPRSMFGVAIHKGKIVIAGGVTEDGLSASVEAFDLKTNKWEVMTEF
PQERSSISLVSLAGSLYAIGGFAMIQLESKEFAPTEVNDIWKYEDDKKEWAGMLKEIRYASGASCLATRLNLFKLSKL
;
_entity_poly.pdbx_strand_id   A
#
# COMPACT_ATOMS: atom_id res chain seq x y z
N PRO A 1 -31.94 -5.12 -22.97
CA PRO A 1 -30.84 -5.53 -22.12
C PRO A 1 -31.05 -5.06 -20.68
N GLY A 2 -30.19 -5.47 -19.76
CA GLY A 2 -30.25 -5.05 -18.35
C GLY A 2 -29.59 -3.69 -18.11
N TYR A 3 -29.59 -3.24 -16.85
CA TYR A 3 -28.99 -1.96 -16.47
C TYR A 3 -27.97 -2.14 -15.36
N LEU A 4 -26.94 -1.30 -15.36
CA LEU A 4 -25.93 -1.33 -14.29
C LEU A 4 -26.50 -1.01 -12.93
N ASN A 5 -27.41 -0.03 -12.87
CA ASN A 5 -28.02 0.43 -11.63
C ASN A 5 -29.53 0.45 -11.79
N ASP A 6 -30.26 0.25 -10.70
CA ASP A 6 -31.73 0.21 -10.71
C ASP A 6 -32.39 1.51 -10.28
N ILE A 7 -31.84 2.12 -9.23
CA ILE A 7 -32.36 3.37 -8.72
C ILE A 7 -31.17 4.29 -8.50
N PRO A 8 -31.38 5.61 -8.70
CA PRO A 8 -30.26 6.52 -8.42
C PRO A 8 -30.15 6.79 -6.90
N ARG A 9 -28.94 7.10 -6.44
CA ARG A 9 -28.74 7.58 -5.07
C ARG A 9 -28.84 9.11 -5.00
N HIS A 10 -29.12 9.63 -3.81
CA HIS A 10 -28.93 11.04 -3.54
C HIS A 10 -27.46 11.25 -3.20
N GLY A 11 -26.76 12.03 -4.01
CA GLY A 11 -25.35 12.38 -3.75
C GLY A 11 -25.15 13.10 -2.42
N MET A 12 -23.98 12.89 -1.80
CA MET A 12 -23.65 13.51 -0.52
C MET A 12 -22.31 14.28 -0.58
N PHE A 13 -21.83 14.58 -1.79
CA PHE A 13 -20.54 15.24 -1.97
C PHE A 13 -19.39 14.36 -1.43
N VAL A 14 -19.45 13.06 -1.69
CA VAL A 14 -18.34 12.18 -1.35
C VAL A 14 -17.77 11.54 -2.59
N LYS A 15 -16.44 11.57 -2.70
CA LYS A 15 -15.77 11.05 -3.86
C LYS A 15 -14.63 10.06 -3.51
N ASP A 16 -14.68 8.90 -4.16
CA ASP A 16 -13.56 7.95 -4.19
C ASP A 16 -12.36 8.60 -4.90
N LEU A 17 -11.28 8.86 -4.16
CA LEU A 17 -10.12 9.57 -4.69
C LEU A 17 -8.77 8.90 -4.36
N ILE A 18 -7.77 9.16 -5.19
CA ILE A 18 -6.43 8.63 -4.91
C ILE A 18 -5.71 9.67 -4.03
N LEU A 19 -5.36 9.23 -2.83
CA LEU A 19 -4.66 10.10 -1.91
C LEU A 19 -3.16 9.82 -1.99
N LEU A 20 -2.42 10.86 -2.34
CA LEU A 20 -0.96 10.85 -2.50
C LEU A 20 -0.35 11.64 -1.35
N VAL A 21 0.31 10.92 -0.46
CA VAL A 21 0.92 11.54 0.68
C VAL A 21 2.43 11.41 0.58
N ASN A 22 3.06 12.57 0.56
CA ASN A 22 4.53 12.62 0.61
C ASN A 22 4.92 13.58 1.71
N ASP A 23 6.18 14.00 1.75
CA ASP A 23 6.65 14.90 2.81
C ASP A 23 6.27 16.38 2.65
N THR A 24 5.57 16.73 1.58
CA THR A 24 5.08 18.11 1.48
C THR A 24 3.56 18.19 1.72
N ALA A 25 2.80 17.28 1.11
CA ALA A 25 1.33 17.33 1.23
C ALA A 25 0.66 16.01 0.93
N ALA A 26 -0.58 15.91 1.41
CA ALA A 26 -1.51 14.85 1.01
C ALA A 26 -2.47 15.49 0.00
N VAL A 27 -2.29 15.11 -1.26
CA VAL A 27 -3.05 15.64 -2.39
C VAL A 27 -4.02 14.55 -2.89
N ALA A 28 -5.30 14.92 -3.00
CA ALA A 28 -6.33 14.05 -3.58
C ALA A 28 -6.37 14.15 -5.09
N TYR A 29 -6.45 13.01 -5.76
CA TYR A 29 -6.43 13.00 -7.22
C TYR A 29 -7.56 12.15 -7.77
N ASP A 30 -8.26 12.75 -8.71
CA ASP A 30 -9.36 12.13 -9.41
C ASP A 30 -8.90 11.81 -10.82
N PRO A 31 -8.52 10.55 -11.06
CA PRO A 31 -7.97 10.13 -12.36
C PRO A 31 -8.97 10.26 -13.51
N MET A 32 -10.26 10.14 -13.22
CA MET A 32 -11.25 10.24 -14.26
C MET A 32 -11.53 11.67 -14.69
N GLU A 33 -11.46 12.61 -13.75
CA GLU A 33 -11.54 14.03 -14.03
C GLU A 33 -10.16 14.70 -14.23
N ASN A 34 -9.07 13.95 -14.10
CA ASN A 34 -7.70 14.50 -14.18
C ASN A 34 -7.53 15.78 -13.33
N GLU A 35 -8.07 15.77 -12.12
CA GLU A 35 -7.95 16.92 -11.24
C GLU A 35 -7.50 16.59 -9.82
N CYS A 36 -6.79 17.54 -9.22
CA CYS A 36 -6.21 17.41 -7.89
C CYS A 36 -6.72 18.47 -6.95
N TYR A 37 -6.72 18.11 -5.68
CA TYR A 37 -7.13 18.96 -4.56
C TYR A 37 -6.14 18.75 -3.39
N LEU A 38 -6.07 19.72 -2.48
CA LEU A 38 -5.33 19.51 -1.25
C LEU A 38 -6.23 18.87 -0.17
N THR A 39 -5.79 17.75 0.40
CA THR A 39 -6.49 17.20 1.58
C THR A 39 -5.87 17.67 2.89
N ALA A 40 -4.54 17.62 2.99
CA ALA A 40 -3.83 18.11 4.17
C ALA A 40 -2.39 18.49 3.84
N LEU A 41 -1.85 19.52 4.49
CA LEU A 41 -0.38 19.71 4.43
C LEU A 41 0.31 18.57 5.20
N ALA A 42 1.56 18.27 4.86
CA ALA A 42 2.20 17.06 5.38
C ALA A 42 3.71 17.21 5.58
N GLU A 43 4.14 18.41 6.00
CA GLU A 43 5.57 18.71 6.21
C GLU A 43 6.26 17.86 7.27
N GLN A 44 5.48 17.34 8.23
CA GLN A 44 5.96 16.46 9.30
C GLN A 44 5.98 14.99 8.93
N ILE A 45 5.39 14.65 7.78
CA ILE A 45 5.32 13.25 7.36
C ILE A 45 6.67 12.83 6.82
N PRO A 46 7.27 11.78 7.42
CA PRO A 46 8.61 11.30 7.03
C PRO A 46 8.64 10.86 5.57
N ARG A 47 9.68 11.24 4.85
CA ARG A 47 9.85 10.87 3.44
C ARG A 47 9.77 9.36 3.16
N ASN A 48 10.44 8.54 3.99
CA ASN A 48 10.29 7.09 3.89
C ASN A 48 9.21 6.66 4.88
N HIS A 49 8.08 6.22 4.37
CA HIS A 49 6.93 5.89 5.23
C HIS A 49 6.02 4.91 4.52
N SER A 50 5.17 4.25 5.30
CA SER A 50 4.07 3.48 4.76
C SER A 50 2.77 4.10 5.22
N SER A 51 1.70 3.81 4.48
CA SER A 51 0.43 4.49 4.63
C SER A 51 -0.66 3.41 4.59
N ILE A 52 -1.79 3.69 5.22
CA ILE A 52 -2.92 2.77 5.21
C ILE A 52 -4.19 3.59 5.51
N VAL A 53 -5.31 3.22 4.88
CA VAL A 53 -6.60 3.80 5.28
C VAL A 53 -7.49 2.69 5.81
N THR A 54 -8.13 2.97 6.94
CA THR A 54 -9.21 2.15 7.48
C THR A 54 -10.33 2.35 6.41
N GLN A 55 -11.22 1.40 6.09
CA GLN A 55 -12.61 1.20 6.63
C GLN A 55 -13.49 2.40 7.07
N GLN A 56 -13.36 2.86 8.31
CA GLN A 56 -13.75 4.22 8.69
C GLN A 56 -12.89 5.06 7.75
N ASN A 57 -12.87 6.37 7.80
CA ASN A 57 -11.99 6.95 6.76
C ASN A 57 -10.65 7.42 7.30
N GLN A 58 -10.00 6.56 8.09
CA GLN A 58 -8.89 6.99 8.94
C GLN A 58 -7.53 6.68 8.28
N VAL A 59 -6.81 7.74 7.95
CA VAL A 59 -5.50 7.58 7.35
C VAL A 59 -4.44 7.50 8.44
N TYR A 60 -3.67 6.40 8.44
CA TYR A 60 -2.51 6.33 9.29
C TYR A 60 -1.20 6.29 8.48
N VAL A 61 -0.16 6.89 9.04
CA VAL A 61 1.18 6.82 8.47
C VAL A 61 2.15 6.24 9.49
N VAL A 62 2.96 5.27 9.05
CA VAL A 62 4.12 4.82 9.86
C VAL A 62 5.41 5.02 9.05
N GLY A 63 6.44 5.62 9.65
CA GLY A 63 7.76 5.66 9.00
C GLY A 63 8.77 6.54 9.71
N GLY A 64 9.97 6.62 9.14
CA GLY A 64 10.98 7.57 9.62
C GLY A 64 11.52 7.22 11.00
N LEU A 65 11.97 8.25 11.72
CA LEU A 65 12.84 8.11 12.90
C LEU A 65 13.07 9.50 13.55
N TYR A 66 12.73 9.67 14.82
CA TYR A 66 12.34 8.55 15.66
C TYR A 66 10.89 8.26 16.14
N VAL A 67 10.31 8.84 17.18
CA VAL A 67 10.14 10.26 17.47
C VAL A 67 11.32 11.20 17.68
N PRO A 75 15.66 5.25 22.92
CA PRO A 75 15.46 3.85 22.51
C PRO A 75 14.98 3.69 21.06
N LEU A 76 15.04 4.79 20.30
CA LEU A 76 15.18 4.77 18.83
C LEU A 76 14.04 4.13 18.04
N GLN A 77 13.14 4.96 17.53
CA GLN A 77 11.80 4.52 17.10
C GLN A 77 11.35 5.03 15.74
N SER A 78 10.06 4.81 15.46
CA SER A 78 9.45 5.31 14.23
C SER A 78 8.21 6.14 14.54
N TYR A 79 7.97 7.15 13.72
CA TYR A 79 6.78 8.00 13.89
C TYR A 79 5.52 7.22 13.54
N PHE A 80 4.44 7.62 14.19
CA PHE A 80 3.09 7.13 13.93
C PHE A 80 2.17 8.37 13.93
N PHE A 81 1.46 8.58 12.81
CA PHE A 81 0.53 9.71 12.66
C PHE A 81 -0.90 9.26 12.30
N GLN A 82 -1.89 10.04 12.74
CA GLN A 82 -3.24 9.90 12.18
C GLN A 82 -3.70 11.24 11.65
N LEU A 83 -4.29 11.21 10.47
CA LEU A 83 -4.87 12.39 9.86
C LEU A 83 -6.19 12.64 10.55
N ASP A 84 -6.37 13.86 11.07
CA ASP A 84 -7.62 14.26 11.68
C ASP A 84 -8.48 14.80 10.54
N ASN A 85 -9.48 14.02 10.15
CA ASN A 85 -10.29 14.38 9.00
C ASN A 85 -11.08 15.67 9.20
N VAL A 86 -11.40 15.99 10.44
CA VAL A 86 -12.17 17.18 10.73
C VAL A 86 -11.32 18.45 10.55
N SER A 87 -10.11 18.44 11.11
CA SER A 87 -9.23 19.60 11.03
C SER A 87 -8.23 19.56 9.87
N SER A 88 -8.07 18.40 9.23
CA SER A 88 -7.02 18.19 8.21
C SER A 88 -5.60 18.37 8.77
N GLU A 89 -5.47 18.24 10.10
CA GLU A 89 -4.17 18.23 10.77
C GLU A 89 -3.72 16.81 11.06
N TRP A 90 -2.41 16.58 11.00
CA TRP A 90 -1.89 15.27 11.36
C TRP A 90 -1.69 15.22 12.88
N VAL A 91 -2.18 14.13 13.47
CA VAL A 91 -2.05 13.87 14.90
C VAL A 91 -0.87 12.93 15.16
N GLY A 92 0.03 13.31 16.05
CA GLY A 92 1.05 12.40 16.58
C GLY A 92 0.42 11.42 17.57
N LEU A 93 0.72 10.13 17.38
CA LEU A 93 0.15 9.04 18.16
C LEU A 93 1.30 8.29 18.84
N PRO A 94 0.97 7.38 19.80
CA PRO A 94 2.05 6.56 20.38
C PRO A 94 2.98 5.98 19.30
N PRO A 95 4.28 6.33 19.37
CA PRO A 95 5.24 5.95 18.35
C PRO A 95 5.49 4.45 18.27
N LEU A 96 5.84 3.96 17.06
CA LEU A 96 6.18 2.55 16.86
C LEU A 96 7.41 2.21 17.73
N PRO A 97 7.26 1.27 18.68
CA PRO A 97 8.34 0.90 19.62
C PRO A 97 9.66 0.55 18.95
N SER A 98 9.60 0.29 17.66
CA SER A 98 10.71 -0.20 16.91
C SER A 98 11.01 0.83 15.82
N ALA A 99 12.28 1.16 15.61
CA ALA A 99 12.68 1.97 14.47
C ALA A 99 12.92 1.01 13.33
N ARG A 100 12.15 1.19 12.27
CA ARG A 100 11.98 0.13 11.34
C ARG A 100 11.62 0.68 9.99
N CYS A 101 12.11 0.01 8.95
CA CYS A 101 11.80 0.34 7.56
C CYS A 101 11.47 -0.93 6.76
N LEU A 102 10.95 -0.76 5.53
CA LEU A 102 10.69 -1.85 4.57
C LEU A 102 9.85 -2.96 5.19
N PHE A 103 8.83 -2.52 5.91
CA PHE A 103 7.88 -3.36 6.57
C PHE A 103 6.55 -3.31 5.75
N GLY A 104 5.54 -4.00 6.27
CA GLY A 104 4.21 -3.97 5.66
C GLY A 104 3.20 -3.45 6.68
N LEU A 105 2.08 -2.92 6.19
CA LEU A 105 1.03 -2.33 7.05
C LEU A 105 -0.33 -2.93 6.76
N GLY A 106 -0.96 -3.46 7.77
CA GLY A 106 -2.26 -4.04 7.65
C GLY A 106 -3.21 -3.44 8.64
N GLU A 107 -4.43 -3.92 8.64
CA GLU A 107 -5.44 -3.41 9.49
C GLU A 107 -6.69 -4.24 9.53
N VAL A 108 -7.12 -4.62 10.72
CA VAL A 108 -8.47 -5.19 10.89
C VAL A 108 -9.25 -4.67 12.12
N ASP A 109 -10.51 -4.35 11.91
CA ASP A 109 -11.38 -3.70 12.92
C ASP A 109 -10.66 -2.58 13.67
N ASP A 110 -10.21 -1.57 12.93
CA ASP A 110 -9.59 -0.36 13.47
C ASP A 110 -8.16 -0.54 14.01
N LYS A 111 -7.76 -1.78 14.28
CA LYS A 111 -6.40 -2.05 14.78
C LYS A 111 -5.38 -2.09 13.63
N ILE A 112 -4.22 -1.50 13.87
CA ILE A 112 -3.21 -1.47 12.83
C ILE A 112 -2.00 -2.35 13.12
N TYR A 113 -1.52 -3.03 12.09
CA TYR A 113 -0.49 -4.05 12.20
C TYR A 113 0.73 -3.65 11.38
N VAL A 114 1.88 -3.60 12.05
CA VAL A 114 3.14 -3.38 11.36
C VAL A 114 3.86 -4.73 11.31
N VAL A 115 4.08 -5.25 10.12
CA VAL A 115 4.68 -6.58 10.03
C VAL A 115 6.13 -6.59 9.51
N ALA A 116 7.04 -7.18 10.29
CA ALA A 116 8.45 -7.37 9.88
C ALA A 116 9.19 -6.02 9.58
N GLY A 117 10.19 -5.99 8.68
CA GLY A 117 11.30 -4.94 8.62
C GLY A 117 12.58 -5.79 8.76
N LYS A 118 13.85 -5.35 8.78
CA LYS A 118 14.56 -4.07 8.51
C LYS A 118 14.69 -3.05 9.64
N ASP A 119 15.41 -3.49 10.66
CA ASP A 119 15.71 -2.67 11.81
C ASP A 119 16.63 -1.53 11.41
N LEU A 120 16.23 -0.31 11.76
CA LEU A 120 16.96 0.87 11.37
C LEU A 120 18.27 1.08 12.16
N GLN A 121 18.34 0.52 13.37
CA GLN A 121 19.56 0.61 14.19
C GLN A 121 20.56 -0.50 13.84
N THR A 122 20.02 -1.69 13.80
CA THR A 122 20.76 -2.90 13.87
C THR A 122 21.05 -3.46 12.44
N GLU A 123 20.26 -3.03 11.46
CA GLU A 123 20.29 -3.51 10.04
C GLU A 123 19.72 -4.93 9.80
N ALA A 124 19.20 -5.54 10.84
CA ALA A 124 18.73 -6.92 10.77
C ALA A 124 17.25 -7.06 10.39
N SER A 125 16.95 -8.15 9.70
CA SER A 125 15.58 -8.49 9.34
C SER A 125 14.75 -8.91 10.57
N LEU A 126 13.47 -8.55 10.56
CA LEU A 126 12.59 -8.85 11.68
C LEU A 126 11.45 -9.76 11.27
N ASP A 127 10.88 -10.46 12.25
CA ASP A 127 9.73 -11.34 12.04
C ASP A 127 8.64 -10.82 12.96
N SER A 128 9.02 -9.81 13.72
CA SER A 128 8.22 -9.22 14.77
C SER A 128 7.01 -8.46 14.22
N VAL A 129 5.84 -8.74 14.76
CA VAL A 129 4.60 -8.07 14.33
C VAL A 129 3.97 -7.24 15.46
N LEU A 130 3.81 -5.94 15.22
CA LEU A 130 3.20 -5.01 16.18
C LEU A 130 1.81 -4.57 15.78
N CYS A 131 0.90 -4.58 16.76
CA CYS A 131 -0.49 -4.25 16.58
C CYS A 131 -0.84 -3.06 17.45
N TYR A 132 -1.33 -2.00 16.83
CA TYR A 132 -1.77 -0.81 17.55
C TYR A 132 -3.27 -0.86 17.77
N ASP A 133 -3.66 -0.71 19.03
CA ASP A 133 -5.06 -0.71 19.43
C ASP A 133 -5.50 0.74 19.67
N PRO A 134 -6.41 1.27 18.82
CA PRO A 134 -6.76 2.70 18.86
C PRO A 134 -7.72 3.11 19.98
N VAL A 135 -8.41 2.16 20.60
CA VAL A 135 -9.32 2.45 21.71
C VAL A 135 -8.49 2.67 22.96
N ALA A 136 -7.71 1.65 23.34
CA ALA A 136 -6.77 1.77 24.43
C ALA A 136 -5.53 2.63 24.09
N ALA A 137 -5.40 3.05 22.83
CA ALA A 137 -4.25 3.86 22.36
C ALA A 137 -2.84 3.32 22.71
N LYS A 138 -2.58 2.07 22.34
CA LYS A 138 -1.30 1.41 22.65
C LYS A 138 -0.92 0.28 21.68
N TRP A 139 0.38 0.11 21.48
CA TRP A 139 0.97 -0.93 20.64
C TRP A 139 1.25 -2.19 21.48
N SER A 140 1.19 -3.36 20.85
CA SER A 140 1.74 -4.56 21.44
C SER A 140 2.24 -5.56 20.39
N GLU A 141 3.01 -6.53 20.84
CA GLU A 141 3.55 -7.58 19.99
C GLU A 141 2.51 -8.72 19.85
N VAL A 142 2.06 -9.01 18.63
CA VAL A 142 1.27 -10.23 18.39
C VAL A 142 2.20 -11.30 17.85
N LYS A 143 1.64 -12.39 17.33
CA LYS A 143 2.44 -13.50 16.78
C LYS A 143 3.41 -13.08 15.69
N ASN A 144 4.67 -13.44 15.86
CA ASN A 144 5.70 -13.21 14.86
C ASN A 144 5.41 -13.95 13.54
N LEU A 145 5.75 -13.30 12.43
CA LEU A 145 5.77 -13.90 11.08
C LEU A 145 6.71 -15.14 11.09
N PRO A 146 6.34 -16.22 10.35
CA PRO A 146 7.18 -17.42 10.27
C PRO A 146 8.56 -17.24 9.65
N ILE A 147 8.78 -16.13 8.96
CA ILE A 147 10.08 -15.81 8.38
C ILE A 147 10.56 -14.42 8.83
N LYS A 148 11.86 -14.19 8.68
CA LYS A 148 12.42 -12.85 8.85
C LYS A 148 12.54 -12.27 7.47
N VAL A 149 12.03 -11.06 7.29
CA VAL A 149 11.80 -10.51 5.95
C VAL A 149 11.70 -8.98 5.94
N TYR A 150 12.07 -8.40 4.81
CA TYR A 150 11.84 -6.99 4.53
C TYR A 150 11.67 -6.85 3.01
N GLY A 151 10.99 -5.81 2.54
CA GLY A 151 10.73 -5.64 1.11
C GLY A 151 9.46 -6.36 0.69
N HIS A 152 8.84 -7.06 1.63
CA HIS A 152 7.54 -7.73 1.41
C HIS A 152 6.43 -6.68 1.30
N ASN A 153 5.24 -7.11 0.92
CA ASN A 153 4.06 -6.26 1.04
C ASN A 153 2.91 -6.93 1.83
N VAL A 154 2.00 -6.11 2.31
CA VAL A 154 0.93 -6.57 3.18
C VAL A 154 -0.36 -5.88 2.72
N ILE A 155 -1.47 -6.62 2.64
CA ILE A 155 -2.79 -6.04 2.38
C ILE A 155 -3.78 -6.74 3.28
N SER A 156 -4.89 -6.06 3.51
CA SER A 156 -5.96 -6.58 4.35
C SER A 156 -7.22 -6.82 3.50
N HIS A 157 -7.92 -7.92 3.80
CA HIS A 157 -9.20 -8.20 3.15
C HIS A 157 -10.07 -9.08 4.04
N ASN A 158 -11.35 -8.72 4.13
CA ASN A 158 -12.33 -9.48 4.92
C ASN A 158 -11.80 -9.95 6.28
N GLY A 159 -11.33 -8.99 7.07
CA GLY A 159 -10.75 -9.26 8.39
C GLY A 159 -9.53 -10.16 8.49
N MET A 160 -8.87 -10.45 7.36
CA MET A 160 -7.64 -11.26 7.33
C MET A 160 -6.47 -10.38 6.86
N ILE A 161 -5.26 -10.73 7.30
CA ILE A 161 -4.04 -10.03 6.86
C ILE A 161 -3.10 -10.96 6.09
N TYR A 162 -2.67 -10.51 4.92
CA TYR A 162 -1.81 -11.25 4.02
C TYR A 162 -0.44 -10.61 3.90
N CYS A 163 0.58 -11.46 3.98
CA CYS A 163 1.97 -11.03 3.81
C CYS A 163 2.58 -11.75 2.60
N LEU A 164 3.15 -10.97 1.68
CA LEU A 164 3.65 -11.50 0.40
C LEU A 164 5.08 -11.08 -0.01
N GLY A 165 5.82 -12.03 -0.57
CA GLY A 165 7.15 -11.79 -1.08
C GLY A 165 8.12 -11.29 -0.03
N GLY A 166 9.07 -10.48 -0.48
CA GLY A 166 10.09 -9.94 0.36
C GLY A 166 11.44 -10.56 0.09
N LYS A 167 12.44 -10.09 0.83
CA LYS A 167 13.77 -10.71 0.87
C LYS A 167 13.97 -11.42 2.22
N THR A 168 14.28 -12.71 2.17
CA THR A 168 14.55 -13.51 3.38
C THR A 168 16.02 -13.41 3.86
N ASP A 169 16.30 -14.02 5.02
CA ASP A 169 17.52 -13.71 5.81
C ASP A 169 18.86 -14.11 5.17
N ASP A 170 18.83 -15.02 4.19
CA ASP A 170 19.90 -15.05 3.19
C ASP A 170 19.80 -13.66 2.55
N LYS A 171 19.86 -13.53 1.24
CA LYS A 171 19.38 -12.25 0.67
C LYS A 171 18.54 -12.43 -0.58
N LYS A 172 18.05 -13.65 -0.77
CA LYS A 172 17.18 -14.00 -1.88
C LYS A 172 15.75 -13.50 -1.67
N CYS A 173 15.08 -13.19 -2.78
CA CYS A 173 13.63 -12.95 -2.79
C CYS A 173 12.88 -14.23 -2.39
N THR A 174 11.72 -14.05 -1.74
CA THR A 174 10.87 -15.20 -1.44
C THR A 174 9.55 -15.10 -2.19
N ASN A 175 9.00 -16.26 -2.51
CA ASN A 175 7.66 -16.35 -3.12
C ASN A 175 6.55 -16.67 -2.12
N ARG A 176 6.90 -16.63 -0.83
CA ARG A 176 5.99 -17.11 0.22
C ARG A 176 4.86 -16.15 0.52
N VAL A 177 3.73 -16.74 0.93
CA VAL A 177 2.51 -16.01 1.12
C VAL A 177 1.93 -16.55 2.42
N PHE A 178 1.55 -15.63 3.31
CA PHE A 178 1.12 -15.95 4.67
C PHE A 178 -0.20 -15.25 4.95
N ILE A 179 -1.07 -15.92 5.69
CA ILE A 179 -2.33 -15.33 6.13
C ILE A 179 -2.36 -15.24 7.67
N TYR A 180 -2.80 -14.07 8.17
CA TYR A 180 -2.98 -13.86 9.61
C TYR A 180 -4.46 -13.72 9.99
N ASN A 181 -4.93 -14.65 10.79
CA ASN A 181 -6.26 -14.57 11.40
C ASN A 181 -6.10 -13.96 12.79
N PRO A 182 -6.61 -12.72 12.98
CA PRO A 182 -6.52 -11.96 14.24
C PRO A 182 -7.27 -12.62 15.38
N LYS A 183 -8.31 -13.38 15.05
CA LYS A 183 -9.22 -14.00 16.01
C LYS A 183 -8.78 -15.39 16.49
N LYS A 184 -7.68 -15.90 15.94
CA LYS A 184 -7.03 -17.07 16.51
C LYS A 184 -5.52 -16.85 16.63
N GLY A 185 -5.03 -15.80 15.96
CA GLY A 185 -3.69 -15.26 16.17
C GLY A 185 -2.52 -16.05 15.60
N ASP A 186 -2.77 -16.77 14.50
CA ASP A 186 -1.71 -17.54 13.86
C ASP A 186 -1.44 -17.10 12.42
N TRP A 187 -0.20 -17.33 11.98
CA TRP A 187 0.17 -17.18 10.57
C TRP A 187 0.11 -18.55 9.86
N LYS A 188 -0.38 -18.55 8.62
CA LYS A 188 -0.35 -19.73 7.78
C LYS A 188 0.26 -19.43 6.42
N ASP A 189 1.13 -20.33 5.95
CA ASP A 189 1.57 -20.28 4.57
C ASP A 189 0.39 -20.65 3.68
N LEU A 190 0.16 -19.82 2.67
CA LEU A 190 -0.73 -20.16 1.57
C LEU A 190 0.11 -20.51 0.37
N ALA A 191 -0.57 -20.77 -0.75
CA ALA A 191 0.09 -21.07 -2.02
C ALA A 191 1.00 -19.91 -2.40
N PRO A 192 2.29 -20.23 -2.71
CA PRO A 192 3.21 -19.18 -3.18
C PRO A 192 2.92 -18.64 -4.57
N MET A 193 3.35 -17.40 -4.79
CA MET A 193 3.43 -16.81 -6.10
C MET A 193 4.45 -17.50 -7.01
N LYS A 194 4.25 -17.33 -8.30
CA LYS A 194 5.10 -17.90 -9.32
C LYS A 194 6.46 -17.20 -9.36
N THR A 195 6.46 -15.88 -9.22
CA THR A 195 7.70 -15.09 -9.31
C THR A 195 8.09 -14.53 -7.92
N PRO A 196 9.13 -15.08 -7.27
CA PRO A 196 9.60 -14.47 -6.01
C PRO A 196 10.08 -13.04 -6.27
N ARG A 197 9.64 -12.11 -5.41
CA ARG A 197 9.84 -10.66 -5.57
C ARG A 197 9.86 -9.94 -4.23
N SER A 198 10.44 -8.74 -4.24
CA SER A 198 10.36 -7.80 -3.14
C SER A 198 10.02 -6.46 -3.80
N MET A 199 9.73 -5.43 -3.01
CA MET A 199 9.59 -4.05 -3.51
C MET A 199 8.60 -3.92 -4.66
N PHE A 200 7.35 -4.29 -4.39
CA PHE A 200 6.36 -4.39 -5.45
C PHE A 200 5.01 -3.82 -4.98
N GLY A 201 4.06 -3.74 -5.91
CA GLY A 201 2.78 -3.12 -5.63
C GLY A 201 1.75 -4.21 -5.34
N VAL A 202 0.76 -3.89 -4.52
CA VAL A 202 -0.31 -4.87 -4.16
C VAL A 202 -1.65 -4.15 -3.96
N ALA A 203 -2.73 -4.78 -4.40
CA ALA A 203 -4.08 -4.24 -4.21
C ALA A 203 -5.10 -5.40 -4.26
N ILE A 204 -6.27 -5.19 -3.70
CA ILE A 204 -7.40 -6.09 -3.94
C ILE A 204 -8.17 -5.63 -5.20
N HIS A 205 -8.38 -6.56 -6.11
CA HIS A 205 -9.12 -6.31 -7.32
C HIS A 205 -9.95 -7.56 -7.66
N LYS A 206 -11.26 -7.42 -7.51
CA LYS A 206 -12.28 -8.47 -7.72
C LYS A 206 -12.02 -10.02 -7.62
N GLY A 207 -12.12 -10.68 -6.46
CA GLY A 207 -11.62 -10.27 -5.18
C GLY A 207 -10.36 -11.12 -5.23
N LYS A 208 -9.32 -10.55 -5.83
CA LYS A 208 -8.05 -11.21 -6.04
C LYS A 208 -6.95 -10.30 -5.48
N ILE A 209 -5.90 -10.92 -4.95
CA ILE A 209 -4.74 -10.14 -4.51
C ILE A 209 -3.87 -9.98 -5.72
N VAL A 210 -3.81 -8.76 -6.25
CA VAL A 210 -3.01 -8.48 -7.45
C VAL A 210 -1.64 -7.94 -7.02
N ILE A 211 -0.57 -8.51 -7.59
CA ILE A 211 0.81 -8.05 -7.36
C ILE A 211 1.45 -7.66 -8.71
N ALA A 212 2.19 -6.55 -8.68
CA ALA A 212 2.69 -5.89 -9.89
C ALA A 212 4.18 -5.51 -9.78
N GLY A 213 4.98 -6.06 -10.71
CA GLY A 213 6.41 -5.80 -10.86
C GLY A 213 7.27 -6.17 -9.66
N GLY A 214 8.34 -5.42 -9.47
CA GLY A 214 9.22 -5.58 -8.32
C GLY A 214 10.69 -5.80 -8.70
N VAL A 215 11.50 -6.04 -7.67
CA VAL A 215 12.85 -6.56 -7.89
C VAL A 215 12.76 -8.08 -7.73
N THR A 216 13.50 -8.77 -8.59
CA THR A 216 13.57 -10.24 -8.61
C THR A 216 15.02 -10.72 -8.63
N GLU A 217 15.21 -12.04 -8.59
CA GLU A 217 16.51 -12.69 -8.87
C GLU A 217 17.06 -12.31 -10.27
N ASP A 218 16.21 -11.67 -11.07
CA ASP A 218 16.55 -11.21 -12.41
C ASP A 218 16.48 -9.67 -12.45
N GLY A 219 16.35 -9.06 -11.27
CA GLY A 219 16.24 -7.60 -11.16
C GLY A 219 14.83 -7.16 -11.49
N LEU A 220 14.71 -6.01 -12.16
CA LEU A 220 13.40 -5.35 -12.38
C LEU A 220 12.39 -6.22 -13.16
N SER A 221 11.16 -6.26 -12.67
CA SER A 221 10.13 -7.10 -13.26
C SER A 221 8.89 -6.30 -13.66
N ALA A 222 8.22 -6.77 -14.72
CA ALA A 222 6.98 -6.16 -15.18
C ALA A 222 5.84 -7.15 -14.93
N SER A 223 6.15 -8.25 -14.26
CA SER A 223 5.20 -9.34 -14.01
C SER A 223 4.00 -8.93 -13.14
N VAL A 224 2.81 -9.28 -13.62
CA VAL A 224 1.58 -9.11 -12.85
C VAL A 224 0.93 -10.46 -12.57
N GLU A 225 0.82 -10.79 -11.27
CA GLU A 225 0.14 -11.99 -10.82
C GLU A 225 -1.08 -11.67 -9.96
N ALA A 226 -2.00 -12.61 -9.84
CA ALA A 226 -3.17 -12.41 -9.01
C ALA A 226 -3.59 -13.69 -8.30
N PHE A 227 -3.82 -13.60 -6.99
CA PHE A 227 -4.20 -14.76 -6.17
C PHE A 227 -5.72 -14.70 -5.95
N ASP A 228 -6.42 -15.67 -6.52
CA ASP A 228 -7.88 -15.62 -6.50
C ASP A 228 -8.35 -16.14 -5.15
N LEU A 229 -9.10 -15.30 -4.44
CA LEU A 229 -9.28 -15.45 -2.98
C LEU A 229 -10.22 -16.43 -2.16
N LYS A 230 -10.61 -17.65 -2.56
CA LYS A 230 -11.28 -18.08 -3.81
C LYS A 230 -10.98 -19.44 -4.47
N THR A 231 -10.04 -19.58 -5.40
CA THR A 231 -9.65 -20.96 -5.84
C THR A 231 -8.72 -21.80 -4.91
N ASN A 232 -8.01 -21.19 -3.99
CA ASN A 232 -7.42 -19.91 -4.24
C ASN A 232 -6.06 -20.20 -4.89
N LYS A 233 -6.01 -19.91 -6.19
CA LYS A 233 -4.86 -20.16 -7.04
C LYS A 233 -4.25 -18.86 -7.51
N TRP A 234 -3.00 -18.94 -7.90
CA TRP A 234 -2.29 -17.85 -8.56
C TRP A 234 -2.47 -17.87 -10.07
N GLU A 235 -2.81 -16.74 -10.65
CA GLU A 235 -2.99 -16.62 -12.09
C GLU A 235 -2.28 -15.38 -12.62
N VAL A 236 -2.00 -15.37 -13.93
CA VAL A 236 -1.26 -14.26 -14.52
C VAL A 236 -2.18 -13.24 -15.21
N MET A 237 -1.88 -11.98 -14.97
CA MET A 237 -2.55 -10.91 -15.66
C MET A 237 -1.57 -10.31 -16.66
N THR A 238 -2.08 -9.37 -17.45
CA THR A 238 -1.30 -8.63 -18.44
C THR A 238 -0.12 -7.95 -17.74
N GLU A 239 1.09 -8.23 -18.21
CA GLU A 239 2.30 -7.62 -17.64
C GLU A 239 2.23 -6.08 -17.70
N PHE A 240 2.84 -5.43 -16.71
CA PHE A 240 2.97 -3.98 -16.72
C PHE A 240 3.81 -3.55 -17.96
N PRO A 241 3.48 -2.38 -18.57
CA PRO A 241 4.20 -1.76 -19.71
C PRO A 241 5.72 -1.60 -19.52
N GLN A 242 6.20 -1.78 -18.29
CA GLN A 242 7.57 -1.43 -17.97
C GLN A 242 7.97 -2.17 -16.72
N GLU A 243 9.20 -2.65 -16.69
CA GLU A 243 9.73 -3.28 -15.50
C GLU A 243 10.00 -2.19 -14.47
N ARG A 244 9.37 -2.30 -13.31
CA ARG A 244 9.49 -1.29 -12.25
C ARG A 244 9.46 -1.90 -10.87
N SER A 245 10.22 -1.30 -9.96
CA SER A 245 10.12 -1.68 -8.56
C SER A 245 9.21 -0.63 -7.83
N SER A 246 8.60 -1.03 -6.72
CA SER A 246 7.78 -0.10 -5.92
C SER A 246 6.63 0.62 -6.67
N ILE A 247 6.05 -0.01 -7.67
CA ILE A 247 4.73 0.45 -8.21
C ILE A 247 3.77 0.53 -7.03
N SER A 248 2.94 1.58 -6.97
CA SER A 248 1.85 1.64 -5.99
C SER A 248 0.54 1.26 -6.72
N LEU A 249 -0.08 0.20 -6.23
CA LEU A 249 -1.37 -0.25 -6.80
C LEU A 249 -2.50 0.25 -5.89
N VAL A 250 -3.61 0.74 -6.49
CA VAL A 250 -4.81 1.12 -5.74
C VAL A 250 -6.09 0.70 -6.52
N SER A 251 -7.07 0.17 -5.77
CA SER A 251 -8.40 -0.15 -6.31
C SER A 251 -9.28 1.09 -6.06
N LEU A 252 -9.67 1.78 -7.12
CA LEU A 252 -10.50 2.97 -6.98
C LEU A 252 -11.86 2.65 -7.56
N ALA A 253 -12.87 2.54 -6.69
CA ALA A 253 -14.22 2.17 -7.10
C ALA A 253 -14.15 0.82 -7.84
N GLY A 254 -14.51 0.77 -9.11
CA GLY A 254 -14.37 -0.53 -9.79
C GLY A 254 -12.98 -0.92 -10.30
N SER A 255 -12.05 0.02 -10.31
CA SER A 255 -10.91 -0.02 -11.22
C SER A 255 -9.51 -0.09 -10.56
N LEU A 256 -8.61 -0.82 -11.18
CA LEU A 256 -7.23 -0.99 -10.70
C LEU A 256 -6.31 0.09 -11.30
N TYR A 257 -5.71 0.90 -10.43
CA TYR A 257 -4.75 1.89 -10.89
C TYR A 257 -3.33 1.53 -10.44
N ALA A 258 -2.36 1.97 -11.23
CA ALA A 258 -0.96 1.82 -10.91
C ALA A 258 -0.30 3.21 -10.93
N ILE A 259 0.41 3.54 -9.86
CA ILE A 259 1.03 4.85 -9.77
C ILE A 259 2.53 4.68 -9.59
N GLY A 260 3.30 5.31 -10.48
CA GLY A 260 4.74 5.44 -10.31
C GLY A 260 5.49 4.12 -10.24
N GLY A 261 6.47 4.08 -9.35
CA GLY A 261 7.47 3.02 -9.31
C GLY A 261 8.79 3.53 -9.90
N PHE A 262 9.80 2.66 -9.91
CA PHE A 262 11.18 3.02 -10.33
C PHE A 262 11.71 2.27 -11.54
N ALA A 263 12.27 3.06 -12.47
CA ALA A 263 13.37 2.77 -13.46
C ALA A 263 12.98 2.09 -14.74
N MET A 264 13.93 1.48 -15.46
CA MET A 264 15.41 1.73 -15.42
C MET A 264 15.75 2.72 -16.52
N ILE A 265 16.34 3.87 -16.19
CA ILE A 265 16.45 5.02 -17.12
C ILE A 265 17.57 5.98 -16.68
N GLN A 266 18.05 6.92 -17.50
CA GLN A 266 19.16 6.79 -18.45
C GLN A 266 19.91 8.02 -17.97
N GLU A 271 24.82 5.61 -15.16
CA GLU A 271 24.07 6.43 -16.12
C GLU A 271 22.62 5.91 -16.26
N PHE A 272 22.45 4.62 -16.53
CA PHE A 272 21.16 3.96 -16.35
C PHE A 272 21.03 3.50 -14.91
N ALA A 273 20.01 4.01 -14.23
CA ALA A 273 19.78 3.71 -12.81
C ALA A 273 18.28 3.63 -12.52
N PRO A 274 17.89 2.94 -11.42
CA PRO A 274 16.49 3.04 -10.97
C PRO A 274 16.09 4.48 -10.63
N THR A 275 15.16 5.00 -11.40
CA THR A 275 14.70 6.36 -11.24
C THR A 275 13.18 6.38 -11.31
N GLU A 276 12.61 7.18 -10.41
CA GLU A 276 11.17 7.32 -10.23
C GLU A 276 10.45 7.88 -11.46
N VAL A 277 9.36 7.22 -11.84
CA VAL A 277 8.46 7.70 -12.87
C VAL A 277 7.17 8.07 -12.12
N ASN A 278 6.72 9.30 -12.32
CA ASN A 278 5.54 9.82 -11.65
C ASN A 278 4.31 9.83 -12.57
N ASP A 279 3.96 8.66 -13.08
CA ASP A 279 2.82 8.53 -14.00
C ASP A 279 1.67 7.71 -13.37
N ILE A 280 0.54 7.66 -14.07
CA ILE A 280 -0.59 6.83 -13.67
C ILE A 280 -1.05 5.97 -14.83
N TRP A 281 -1.33 4.70 -14.53
CA TRP A 281 -1.92 3.74 -15.47
C TRP A 281 -3.21 3.16 -14.85
N LYS A 282 -4.04 2.56 -15.69
CA LYS A 282 -5.30 1.96 -15.27
C LYS A 282 -5.43 0.63 -16.00
N TYR A 283 -5.71 -0.44 -15.28
CA TYR A 283 -5.99 -1.72 -15.94
C TYR A 283 -7.39 -1.69 -16.57
N GLU A 284 -7.49 -2.00 -17.86
CA GLU A 284 -8.79 -2.15 -18.53
C GLU A 284 -9.18 -3.63 -18.49
N ASP A 285 -10.13 -3.96 -17.62
CA ASP A 285 -10.50 -5.35 -17.36
C ASP A 285 -10.97 -6.03 -18.65
N ASP A 286 -11.95 -5.41 -19.32
CA ASP A 286 -12.28 -5.80 -20.69
C ASP A 286 -11.09 -5.31 -21.52
N LYS A 287 -10.60 -6.16 -22.41
CA LYS A 287 -9.39 -5.87 -23.21
C LYS A 287 -8.10 -6.42 -22.57
N LYS A 288 -8.03 -6.36 -21.25
CA LYS A 288 -6.86 -6.80 -20.48
C LYS A 288 -5.60 -5.98 -20.85
N GLU A 289 -5.71 -4.66 -20.76
CA GLU A 289 -4.59 -3.79 -21.11
C GLU A 289 -4.34 -2.74 -20.04
N TRP A 290 -3.08 -2.31 -19.94
CA TRP A 290 -2.74 -1.14 -19.13
C TRP A 290 -2.82 0.11 -19.96
N ALA A 291 -3.65 1.04 -19.52
CA ALA A 291 -3.88 2.28 -20.26
C ALA A 291 -3.23 3.46 -19.55
N GLY A 292 -2.41 4.22 -20.29
CA GLY A 292 -1.74 5.40 -19.76
C GLY A 292 -2.75 6.49 -19.43
N MET A 293 -2.78 6.90 -18.16
CA MET A 293 -3.73 7.90 -17.76
C MET A 293 -3.15 9.31 -17.73
N LEU A 294 -2.00 9.44 -17.09
CA LEU A 294 -1.39 10.73 -16.79
C LEU A 294 0.11 10.53 -16.90
N LYS A 295 0.78 11.32 -17.74
CA LYS A 295 2.22 11.15 -17.97
C LYS A 295 3.07 11.55 -16.76
N GLU A 296 2.74 12.71 -16.20
CA GLU A 296 3.44 13.21 -15.05
C GLU A 296 2.48 13.81 -14.03
N ILE A 297 2.63 13.40 -12.77
CA ILE A 297 2.01 14.08 -11.65
C ILE A 297 3.06 14.27 -10.55
N ARG A 298 3.42 15.53 -10.28
CA ARG A 298 4.54 15.79 -9.37
C ARG A 298 4.19 15.44 -7.94
N TYR A 299 2.89 15.43 -7.63
CA TYR A 299 2.40 15.09 -6.31
C TYR A 299 2.62 13.62 -5.92
N ALA A 300 2.85 12.76 -6.92
CA ALA A 300 3.13 11.35 -6.71
C ALA A 300 4.57 11.09 -6.23
N SER A 301 5.44 12.08 -6.42
CA SER A 301 6.87 11.96 -6.09
C SER A 301 7.13 11.74 -4.61
N GLY A 302 7.72 10.59 -4.29
CA GLY A 302 7.98 10.22 -2.90
C GLY A 302 6.73 9.74 -2.17
N ALA A 303 5.60 9.63 -2.88
CA ALA A 303 4.28 9.43 -2.25
C ALA A 303 3.83 7.98 -2.07
N SER A 304 3.30 7.71 -0.87
CA SER A 304 2.47 6.56 -0.66
C SER A 304 1.09 6.88 -1.26
N CYS A 305 0.40 5.85 -1.71
CA CYS A 305 -0.83 6.00 -2.48
C CYS A 305 -1.96 5.13 -1.92
N LEU A 306 -3.14 5.72 -1.83
CA LEU A 306 -4.28 5.10 -1.17
C LEU A 306 -5.56 5.50 -1.87
N ALA A 307 -6.46 4.55 -2.04
CA ALA A 307 -7.83 4.84 -2.42
C ALA A 307 -8.61 5.19 -1.16
N THR A 308 -9.38 6.27 -1.19
CA THR A 308 -10.15 6.66 -0.02
C THR A 308 -11.46 7.36 -0.43
N ARG A 309 -12.42 7.38 0.49
CA ARG A 309 -13.69 8.06 0.30
C ARG A 309 -13.62 9.40 0.98
N LEU A 310 -13.46 10.48 0.20
CA LEU A 310 -13.30 11.82 0.74
C LEU A 310 -14.56 12.69 0.65
N ASN A 311 -14.80 13.48 1.68
CA ASN A 311 -15.79 14.56 1.61
C ASN A 311 -15.22 15.78 0.87
N LEU A 312 -15.82 16.09 -0.27
CA LEU A 312 -15.34 17.13 -1.17
C LEU A 312 -15.20 18.49 -0.53
N PHE A 313 -16.20 18.88 0.28
CA PHE A 313 -16.18 20.17 0.97
C PHE A 313 -15.13 20.32 2.07
N LYS A 314 -14.46 19.23 2.42
CA LYS A 314 -13.27 19.24 3.26
C LYS A 314 -11.95 19.42 2.48
N LEU A 315 -12.01 19.38 1.15
CA LEU A 315 -10.78 19.60 0.36
C LEU A 315 -10.52 21.09 0.10
N SER A 316 -9.29 21.41 -0.30
CA SER A 316 -8.91 22.80 -0.61
C SER A 316 -8.44 22.88 -2.07
N LYS A 317 -8.63 24.04 -2.70
CA LYS A 317 -8.10 24.27 -4.05
C LYS A 317 -6.58 24.45 -4.00
N LEU A 318 -5.89 23.83 -4.96
CA LEU A 318 -4.44 23.88 -5.10
C LEU A 318 -3.99 25.09 -5.92
#